data_1XWL
#
_entry.id   1XWL
#
_cell.length_a   87.106
_cell.length_b   93.868
_cell.length_c   104.577
_cell.angle_alpha   90.00
_cell.angle_beta   90.00
_cell.angle_gamma   90.00
#
_symmetry.space_group_name_H-M   'P 21 21 21'
#
loop_
_entity.id
_entity.type
_entity.pdbx_description
1 polymer 'DNA POLYMERASE I'
2 non-polymer 'SULFATE ION'
3 water water
#
_entity_poly.entity_id   1
_entity_poly.type   'polypeptide(L)'
_entity_poly.pdbx_seq_one_letter_code
;AKMAFTLADRVTEEMLADKAALVVEVVEENYHDAPIVGIAVVNEHGRFFLRPETALADPQFVAWLGDETKKKSMFDSKRA
AVALKWKGIELCGVSFDLLLAAYLLDPAQGVDDVAAAAKMKQYEAVRPDEAVYGKGAKRAVPDEPVLAEHLVRKAAAIWE
LERPFLDELRRNEQDRLLVELEQPLSSILAEMEFAGVKVDTKRLEQMGKELAEQLGTVEQRIYELAGQEFNINSPKQLGV
ILFEKLQLPVLKKTKTGYSTSADVLEKLAPYHEIVENILHYRQLGKLQSTYIEGLLKVVRPDTKKVHTIFNQALTQTGRL
SSTEPNLQNIPIRLEEGRKIRQAFVPSESDWLIFAADYSQIELRVLAHIAEDDNLMEAFRRDLDIHTKTAMDIFQVSEDE
VTPNMRRQAKAVNFGIVYGISDYGLAQNLNISRKEAAEFIERYFESFPGVKRYMENIVQEAKQKGYVTTLLHRRRYLPDI
TSRNFNVRSFAERMAMNTPIQGSAADIIKKAMIDLNARLKEERLQAHLLLQVHDELILEAPKEEMERLCRLVPEVMEQAV
TLRVPLKVDYHYGSTWYDAK
;
_entity_poly.pdbx_strand_id   A
#
loop_
_chem_comp.id
_chem_comp.type
_chem_comp.name
_chem_comp.formula
SO4 non-polymer 'SULFATE ION' 'O4 S -2'
#
# COMPACT_ATOMS: atom_id res chain seq x y z
N ALA A 1 18.22 32.14 13.62
CA ALA A 1 18.12 30.69 13.94
C ALA A 1 19.32 29.87 13.41
N LYS A 2 20.44 29.92 14.14
CA LYS A 2 21.65 29.19 13.75
C LYS A 2 22.07 28.20 14.83
N MET A 3 22.26 26.94 14.44
CA MET A 3 22.69 25.88 15.35
C MET A 3 24.15 25.56 15.00
N ALA A 4 24.95 25.27 16.01
CA ALA A 4 26.36 25.00 15.78
C ALA A 4 26.70 23.59 15.30
N PHE A 5 27.68 23.53 14.40
CA PHE A 5 28.15 22.27 13.88
C PHE A 5 29.47 22.48 13.12
N THR A 6 30.19 21.39 12.93
CA THR A 6 31.46 21.41 12.21
C THR A 6 31.17 21.09 10.74
N LEU A 7 31.50 22.02 9.85
CA LEU A 7 31.30 21.79 8.44
C LEU A 7 32.60 21.11 8.03
N ALA A 8 32.73 19.84 8.44
CA ALA A 8 33.90 19.00 8.18
C ALA A 8 34.38 18.92 6.74
N ASP A 9 35.69 18.82 6.57
CA ASP A 9 36.28 18.70 5.25
C ASP A 9 36.84 17.29 5.04
N ARG A 10 36.94 16.53 6.13
CA ARG A 10 37.42 15.16 6.07
C ARG A 10 36.75 14.40 7.21
N VAL A 11 36.60 13.08 7.02
CA VAL A 11 36.00 12.23 8.01
C VAL A 11 37.01 12.00 9.13
N THR A 12 36.57 12.17 10.36
CA THR A 12 37.42 11.99 11.53
C THR A 12 36.82 10.88 12.39
N GLU A 13 37.66 10.24 13.18
CA GLU A 13 37.22 9.13 14.02
C GLU A 13 36.09 9.55 14.95
N GLU A 14 36.00 10.87 15.20
CA GLU A 14 34.99 11.44 16.07
C GLU A 14 33.59 11.23 15.51
N MET A 15 33.50 11.31 14.19
CA MET A 15 32.25 11.16 13.48
C MET A 15 31.82 9.72 13.38
N LEU A 16 32.70 8.79 13.74
CA LEU A 16 32.38 7.38 13.64
C LEU A 16 32.08 6.67 14.95
N ALA A 17 31.43 7.37 15.89
CA ALA A 17 31.06 6.81 17.17
C ALA A 17 30.00 5.72 16.97
N ASP A 18 29.82 4.84 17.95
CA ASP A 18 28.88 3.72 17.86
C ASP A 18 27.39 4.04 18.08
N LYS A 19 27.03 5.30 18.07
CA LYS A 19 25.63 5.69 18.18
C LYS A 19 25.52 7.08 17.61
N ALA A 20 24.67 7.28 16.62
CA ALA A 20 24.54 8.58 16.01
C ALA A 20 23.19 8.74 15.32
N ALA A 21 22.82 9.99 15.10
CA ALA A 21 21.63 10.31 14.33
C ALA A 21 22.31 10.58 12.99
N LEU A 22 21.81 9.99 11.91
CA LEU A 22 22.44 10.17 10.61
C LEU A 22 21.45 10.66 9.59
N VAL A 23 21.88 11.61 8.77
CA VAL A 23 21.06 12.15 7.69
C VAL A 23 21.85 12.00 6.38
N VAL A 24 21.30 11.26 5.44
CA VAL A 24 21.91 11.04 4.11
C VAL A 24 20.80 11.54 3.24
N GLU A 25 20.92 12.80 2.85
CA GLU A 25 19.89 13.51 2.12
C GLU A 25 19.75 13.31 0.63
N VAL A 26 18.56 12.89 0.22
CA VAL A 26 18.24 12.72 -1.18
C VAL A 26 17.00 13.60 -1.33
N VAL A 27 17.18 14.71 -2.06
CA VAL A 27 16.12 15.68 -2.27
C VAL A 27 15.10 15.27 -3.34
N GLU A 28 15.54 14.53 -4.36
CA GLU A 28 14.63 14.08 -5.40
C GLU A 28 13.57 13.20 -4.74
N GLU A 29 12.32 13.39 -5.14
CA GLU A 29 11.21 12.63 -4.57
C GLU A 29 11.39 11.15 -4.86
N ASN A 30 11.76 10.83 -6.10
CA ASN A 30 12.00 9.45 -6.46
C ASN A 30 13.50 9.28 -6.25
N TYR A 31 13.85 8.55 -5.20
CA TYR A 31 15.25 8.38 -4.85
C TYR A 31 16.08 7.32 -5.60
N HIS A 32 15.49 6.65 -6.58
CA HIS A 32 16.23 5.59 -7.30
C HIS A 32 17.33 6.17 -8.18
N ASP A 33 18.58 5.79 -7.90
CA ASP A 33 19.74 6.26 -8.66
C ASP A 33 19.84 7.78 -8.59
N ALA A 34 19.29 8.37 -7.52
CA ALA A 34 19.29 9.82 -7.35
C ALA A 34 20.47 10.32 -6.52
N PRO A 35 20.80 11.62 -6.65
CA PRO A 35 21.92 12.24 -5.92
C PRO A 35 21.76 12.34 -4.42
N ILE A 36 22.85 12.18 -3.70
CA ILE A 36 22.81 12.35 -2.26
C ILE A 36 23.46 13.74 -2.12
N VAL A 37 22.70 14.74 -1.68
CA VAL A 37 23.24 16.12 -1.58
C VAL A 37 24.06 16.53 -0.36
N GLY A 38 24.02 15.75 0.71
CA GLY A 38 24.78 16.10 1.90
C GLY A 38 24.54 15.07 2.98
N ILE A 39 25.40 15.09 4.00
CA ILE A 39 25.29 14.16 5.09
C ILE A 39 25.49 14.92 6.40
N ALA A 40 24.70 14.59 7.41
CA ALA A 40 24.83 15.22 8.71
C ALA A 40 24.92 14.10 9.73
N VAL A 41 25.77 14.27 10.74
CA VAL A 41 25.94 13.26 11.78
C VAL A 41 25.92 13.96 13.13
N VAL A 42 25.11 13.47 14.04
CA VAL A 42 25.06 14.05 15.38
C VAL A 42 25.28 12.92 16.35
N ASN A 43 26.27 13.06 17.22
CA ASN A 43 26.57 12.04 18.20
C ASN A 43 27.08 12.71 19.45
N GLU A 44 27.54 11.91 20.39
CA GLU A 44 28.02 12.44 21.65
C GLU A 44 29.18 13.41 21.52
N HIS A 45 29.85 13.41 20.38
CA HIS A 45 31.00 14.29 20.17
C HIS A 45 30.69 15.61 19.49
N GLY A 46 29.48 15.78 18.99
CA GLY A 46 29.14 17.03 18.33
C GLY A 46 28.25 16.84 17.13
N ARG A 47 28.17 17.89 16.31
CA ARG A 47 27.38 17.87 15.10
C ARG A 47 28.29 18.12 13.90
N PHE A 48 28.16 17.28 12.88
CA PHE A 48 28.99 17.41 11.69
C PHE A 48 28.19 17.36 10.42
N PHE A 49 28.67 18.07 9.39
CA PHE A 49 28.06 18.05 8.07
C PHE A 49 29.19 17.57 7.18
N LEU A 50 28.89 16.65 6.26
CA LEU A 50 29.91 16.11 5.38
C LEU A 50 29.46 16.22 3.95
N ARG A 51 30.35 16.65 3.08
CA ARG A 51 30.03 16.75 1.67
C ARG A 51 29.97 15.29 1.24
N PRO A 52 28.97 14.93 0.39
CA PRO A 52 28.82 13.54 -0.06
C PRO A 52 30.02 12.94 -0.78
N GLU A 53 30.54 13.65 -1.79
CA GLU A 53 31.69 13.17 -2.56
C GLU A 53 32.82 12.77 -1.64
N THR A 54 32.99 13.51 -0.57
CA THR A 54 34.05 13.23 0.37
C THR A 54 33.71 12.03 1.22
N ALA A 55 32.62 12.12 1.97
CA ALA A 55 32.17 11.05 2.87
C ALA A 55 32.03 9.69 2.20
N LEU A 56 31.33 9.68 1.07
CA LEU A 56 31.10 8.43 0.39
C LEU A 56 32.32 7.81 -0.30
N ALA A 57 33.40 8.59 -0.41
CA ALA A 57 34.66 8.11 -1.00
C ALA A 57 35.65 7.75 0.09
N ASP A 58 35.24 7.91 1.35
CA ASP A 58 36.09 7.61 2.48
C ASP A 58 35.87 6.19 2.94
N PRO A 59 36.92 5.36 2.90
CA PRO A 59 36.80 3.95 3.31
C PRO A 59 36.30 3.77 4.74
N GLN A 60 36.81 4.56 5.67
CA GLN A 60 36.40 4.42 7.06
C GLN A 60 34.92 4.76 7.27
N PHE A 61 34.43 5.77 6.55
CA PHE A 61 33.05 6.18 6.64
C PHE A 61 32.14 5.09 6.06
N VAL A 62 32.47 4.64 4.84
CA VAL A 62 31.69 3.60 4.19
C VAL A 62 31.68 2.38 5.13
N ALA A 63 32.82 2.07 5.74
CA ALA A 63 32.90 0.93 6.64
C ALA A 63 31.98 1.12 7.82
N TRP A 64 31.90 2.37 8.29
CA TRP A 64 31.06 2.70 9.44
C TRP A 64 29.58 2.54 9.05
N LEU A 65 29.22 3.00 7.86
CA LEU A 65 27.85 2.87 7.35
C LEU A 65 27.39 1.42 7.33
N GLY A 66 28.27 0.53 6.87
CA GLY A 66 27.92 -0.89 6.80
C GLY A 66 28.12 -1.71 8.06
N ASP A 67 28.65 -1.11 9.11
CA ASP A 67 28.88 -1.83 10.35
C ASP A 67 27.61 -1.87 11.17
N GLU A 68 27.02 -3.07 11.21
CA GLU A 68 25.79 -3.31 11.93
C GLU A 68 25.89 -2.98 13.43
N THR A 69 27.10 -2.94 13.97
CA THR A 69 27.28 -2.66 15.40
C THR A 69 27.30 -1.16 15.71
N LYS A 70 27.50 -0.34 14.69
CA LYS A 70 27.46 1.12 14.86
C LYS A 70 25.99 1.50 14.62
N LYS A 71 25.30 1.84 15.70
CA LYS A 71 23.89 2.20 15.63
C LYS A 71 23.57 3.57 15.04
N LYS A 72 22.57 3.65 14.18
CA LYS A 72 22.16 4.92 13.57
C LYS A 72 20.67 5.20 13.76
N SER A 73 20.34 6.45 14.04
CA SER A 73 18.94 6.87 14.17
C SER A 73 18.71 7.74 12.95
N MET A 74 17.65 7.47 12.21
CA MET A 74 17.36 8.21 11.00
C MET A 74 15.87 8.46 10.82
N PHE A 75 15.54 9.12 9.72
CA PHE A 75 14.16 9.35 9.34
C PHE A 75 14.05 8.88 7.89
N ASP A 76 13.23 7.86 7.65
CA ASP A 76 13.06 7.30 6.29
C ASP A 76 14.38 6.68 5.84
N SER A 77 14.86 5.72 6.61
CA SER A 77 16.11 5.06 6.30
C SER A 77 16.06 4.29 5.01
N LYS A 78 14.88 3.87 4.58
CA LYS A 78 14.77 3.12 3.33
C LYS A 78 15.22 4.00 2.17
N ARG A 79 14.88 5.29 2.21
CA ARG A 79 15.26 6.21 1.16
C ARG A 79 16.79 6.30 1.05
N ALA A 80 17.46 6.41 2.19
CA ALA A 80 18.92 6.51 2.21
C ALA A 80 19.53 5.17 1.79
N ALA A 81 18.98 4.07 2.33
CA ALA A 81 19.47 2.72 2.01
C ALA A 81 19.46 2.45 0.51
N VAL A 82 18.34 2.73 -0.15
CA VAL A 82 18.22 2.53 -1.58
C VAL A 82 19.20 3.43 -2.36
N ALA A 83 19.18 4.73 -2.05
CA ALA A 83 20.08 5.68 -2.71
C ALA A 83 21.54 5.19 -2.61
N LEU A 84 21.90 4.62 -1.48
CA LEU A 84 23.26 4.10 -1.31
C LEU A 84 23.46 2.75 -2.06
N LYS A 85 22.40 1.94 -2.15
CA LYS A 85 22.51 0.67 -2.87
C LYS A 85 22.88 0.97 -4.29
N TRP A 86 22.31 2.04 -4.85
CA TRP A 86 22.60 2.41 -6.24
C TRP A 86 24.04 2.89 -6.42
N LYS A 87 24.73 3.16 -5.30
CA LYS A 87 26.12 3.63 -5.32
C LYS A 87 27.01 2.51 -4.77
N GLY A 88 26.43 1.32 -4.64
CA GLY A 88 27.20 0.21 -4.15
C GLY A 88 27.65 0.30 -2.71
N ILE A 89 26.84 0.94 -1.87
CA ILE A 89 27.18 1.06 -0.47
C ILE A 89 26.04 0.52 0.36
N GLU A 90 26.36 -0.33 1.33
CA GLU A 90 25.38 -0.94 2.21
C GLU A 90 25.24 -0.16 3.52
N LEU A 91 24.01 0.16 3.88
CA LEU A 91 23.78 0.87 5.12
C LEU A 91 23.29 -0.14 6.14
N CYS A 92 23.96 -0.23 7.27
CA CYS A 92 23.56 -1.19 8.29
C CYS A 92 23.45 -0.51 9.66
N GLY A 93 22.92 -1.24 10.63
CA GLY A 93 22.79 -0.72 11.97
C GLY A 93 21.73 0.35 12.27
N VAL A 94 20.77 0.56 11.38
CA VAL A 94 19.75 1.55 11.67
C VAL A 94 18.85 0.96 12.75
N SER A 95 18.98 1.43 13.98
CA SER A 95 18.17 0.90 15.08
C SER A 95 16.89 1.66 15.40
N PHE A 96 16.75 2.86 14.84
CA PHE A 96 15.58 3.69 15.09
C PHE A 96 15.31 4.55 13.87
N ASP A 97 14.09 4.44 13.34
CA ASP A 97 13.67 5.21 12.18
C ASP A 97 12.48 6.06 12.67
N LEU A 98 12.69 7.37 12.72
CA LEU A 98 11.67 8.30 13.20
C LEU A 98 10.39 8.27 12.37
N LEU A 99 10.50 8.06 11.06
CA LEU A 99 9.31 8.02 10.21
C LEU A 99 8.39 6.86 10.59
N LEU A 100 8.98 5.68 10.79
CA LEU A 100 8.19 4.51 11.15
C LEU A 100 7.68 4.61 12.60
N ALA A 101 8.47 5.22 13.48
CA ALA A 101 8.02 5.40 14.86
C ALA A 101 6.80 6.33 14.88
N ALA A 102 6.85 7.41 14.12
CA ALA A 102 5.73 8.36 14.05
C ALA A 102 4.51 7.65 13.46
N TYR A 103 4.74 6.90 12.38
CA TYR A 103 3.67 6.17 11.72
C TYR A 103 2.93 5.22 12.68
N LEU A 104 3.67 4.54 13.54
CA LEU A 104 3.03 3.64 14.49
C LEU A 104 2.36 4.40 15.63
N LEU A 105 2.88 5.57 15.97
CA LEU A 105 2.30 6.33 17.09
C LEU A 105 0.97 6.95 16.69
N ASP A 106 0.85 7.32 15.43
CA ASP A 106 -0.38 7.88 14.93
C ASP A 106 -0.34 7.93 13.44
N PRO A 107 -0.88 6.89 12.79
CA PRO A 107 -0.88 6.83 11.33
C PRO A 107 -1.69 7.93 10.65
N ALA A 108 -2.49 8.67 11.40
CA ALA A 108 -3.30 9.74 10.83
C ALA A 108 -2.54 11.04 10.61
N GLN A 109 -1.41 11.18 11.30
CA GLN A 109 -0.61 12.40 11.19
C GLN A 109 -0.22 12.82 9.78
N GLY A 110 0.43 11.93 9.03
CA GLY A 110 0.83 12.28 7.69
C GLY A 110 2.28 12.75 7.61
N VAL A 111 2.98 12.59 8.72
CA VAL A 111 4.39 12.94 8.87
C VAL A 111 5.20 12.89 7.57
N ASP A 112 5.27 14.04 6.90
CA ASP A 112 5.99 14.16 5.64
C ASP A 112 7.48 14.28 5.84
N ASP A 113 7.88 14.93 6.92
CA ASP A 113 9.30 15.14 7.15
C ASP A 113 9.64 15.12 8.62
N VAL A 114 10.92 15.35 8.90
CA VAL A 114 11.39 15.38 10.26
C VAL A 114 10.63 16.46 11.03
N ALA A 115 10.42 17.62 10.40
CA ALA A 115 9.70 18.70 11.10
C ALA A 115 8.31 18.24 11.59
N ALA A 116 7.58 17.52 10.73
CA ALA A 116 6.24 17.02 11.08
C ALA A 116 6.26 16.05 12.25
N ALA A 117 7.24 15.15 12.27
CA ALA A 117 7.32 14.21 13.38
C ALA A 117 7.71 14.91 14.68
N ALA A 118 8.63 15.86 14.56
CA ALA A 118 9.11 16.59 15.72
C ALA A 118 7.96 17.33 16.37
N LYS A 119 7.07 17.88 15.56
CA LYS A 119 5.93 18.61 16.09
C LYS A 119 5.10 17.73 16.99
N MET A 120 5.19 16.42 16.82
CA MET A 120 4.41 15.51 17.64
C MET A 120 4.86 15.59 19.10
N LYS A 121 6.07 16.05 19.32
CA LYS A 121 6.59 16.16 20.67
C LYS A 121 7.00 17.60 21.06
N GLN A 122 6.38 18.61 20.46
CA GLN A 122 6.66 19.98 20.83
C GLN A 122 8.09 20.40 20.45
N TYR A 123 8.68 19.72 19.48
CA TYR A 123 10.01 20.06 19.05
C TYR A 123 9.90 20.86 17.75
N GLU A 124 10.29 22.12 17.80
CA GLU A 124 10.16 22.96 16.62
C GLU A 124 11.44 23.58 16.05
N ALA A 125 12.58 23.22 16.60
CA ALA A 125 13.84 23.79 16.12
C ALA A 125 14.35 23.20 14.80
N VAL A 126 13.45 22.89 13.88
CA VAL A 126 13.83 22.32 12.60
C VAL A 126 12.79 22.79 11.61
N ARG A 127 13.23 23.11 10.40
CA ARG A 127 12.33 23.60 9.39
C ARG A 127 11.82 22.45 8.54
N PRO A 128 10.61 22.59 7.98
CA PRO A 128 10.01 21.56 7.13
C PRO A 128 10.80 21.54 5.83
N ASP A 129 10.97 20.35 5.24
CA ASP A 129 11.72 20.24 4.01
C ASP A 129 11.23 21.17 2.91
N GLU A 130 9.92 21.30 2.78
CA GLU A 130 9.37 22.14 1.74
C GLU A 130 9.82 23.58 1.87
N ALA A 131 10.00 24.03 3.11
CA ALA A 131 10.44 25.39 3.38
C ALA A 131 11.85 25.61 2.86
N VAL A 132 12.70 24.60 3.01
CA VAL A 132 14.09 24.69 2.58
C VAL A 132 14.32 24.42 1.09
N TYR A 133 13.56 23.47 0.55
CA TYR A 133 13.71 23.06 -0.84
C TYR A 133 12.72 23.64 -1.82
N GLY A 134 11.49 23.81 -1.39
CA GLY A 134 10.47 24.34 -2.28
C GLY A 134 9.49 23.24 -2.63
N LYS A 135 8.49 23.56 -3.44
CA LYS A 135 7.51 22.56 -3.80
C LYS A 135 7.55 22.11 -5.24
N GLY A 136 7.17 20.85 -5.42
CA GLY A 136 7.13 20.21 -6.73
C GLY A 136 8.32 20.43 -7.64
N ALA A 137 8.18 21.40 -8.53
CA ALA A 137 9.21 21.75 -9.52
C ALA A 137 10.31 22.61 -8.93
N LYS A 138 9.94 23.50 -8.00
CA LYS A 138 10.91 24.38 -7.38
C LYS A 138 11.84 23.63 -6.43
N ARG A 139 11.40 22.47 -5.95
CA ARG A 139 12.18 21.64 -5.03
C ARG A 139 13.66 21.55 -5.46
N ALA A 140 14.46 22.57 -5.08
CA ALA A 140 15.88 22.66 -5.44
C ALA A 140 16.83 22.75 -4.23
N VAL A 141 17.98 22.09 -4.34
CA VAL A 141 18.95 22.11 -3.26
C VAL A 141 19.49 23.52 -3.12
N PRO A 142 19.64 24.01 -1.87
CA PRO A 142 20.16 25.36 -1.59
C PRO A 142 21.68 25.37 -1.44
N ASP A 143 22.25 26.54 -1.19
CA ASP A 143 23.69 26.66 -1.05
C ASP A 143 24.17 25.91 0.20
N GLU A 144 25.42 25.47 0.15
CA GLU A 144 25.98 24.69 1.25
C GLU A 144 25.66 25.18 2.66
N PRO A 145 25.80 26.48 2.91
CA PRO A 145 25.49 26.98 4.26
C PRO A 145 24.07 26.71 4.71
N VAL A 146 23.10 26.97 3.84
CA VAL A 146 21.70 26.74 4.17
C VAL A 146 21.37 25.24 4.23
N LEU A 147 21.99 24.47 3.35
CA LEU A 147 21.76 23.03 3.31
C LEU A 147 22.37 22.37 4.53
N ALA A 148 23.60 22.75 4.83
CA ALA A 148 24.31 22.17 5.97
C ALA A 148 23.56 22.34 7.29
N GLU A 149 23.02 23.53 7.51
CA GLU A 149 22.30 23.81 8.75
C GLU A 149 21.00 23.02 8.84
N HIS A 150 20.30 22.89 7.71
CA HIS A 150 19.05 22.15 7.72
C HIS A 150 19.26 20.67 8.06
N LEU A 151 20.24 20.05 7.40
CA LEU A 151 20.51 18.64 7.64
C LEU A 151 20.96 18.45 9.06
N VAL A 152 21.75 19.40 9.56
CA VAL A 152 22.20 19.28 10.93
C VAL A 152 21.01 19.43 11.90
N ARG A 153 20.09 20.34 11.64
CA ARG A 153 18.93 20.52 12.51
C ARG A 153 18.05 19.27 12.45
N LYS A 154 17.98 18.65 11.26
CA LYS A 154 17.23 17.41 11.10
C LYS A 154 17.91 16.30 11.93
N ALA A 155 19.23 16.17 11.83
CA ALA A 155 19.93 15.16 12.61
C ALA A 155 19.79 15.43 14.11
N ALA A 156 19.82 16.71 14.47
CA ALA A 156 19.71 17.10 15.88
C ALA A 156 18.33 16.72 16.41
N ALA A 157 17.30 16.96 15.61
CA ALA A 157 15.94 16.62 16.03
C ALA A 157 15.80 15.10 16.27
N ILE A 158 16.30 14.29 15.33
CA ILE A 158 16.22 12.82 15.48
C ILE A 158 16.92 12.40 16.75
N TRP A 159 18.09 12.98 17.00
CA TRP A 159 18.88 12.66 18.17
C TRP A 159 18.09 12.90 19.44
N GLU A 160 17.36 14.01 19.46
CA GLU A 160 16.56 14.39 20.61
C GLU A 160 15.25 13.61 20.75
N LEU A 161 14.61 13.34 19.63
CA LEU A 161 13.31 12.67 19.63
C LEU A 161 13.26 11.16 19.80
N GLU A 162 14.40 10.50 19.60
CA GLU A 162 14.42 9.06 19.74
C GLU A 162 13.85 8.53 21.07
N ARG A 163 14.32 9.05 22.19
CA ARG A 163 13.84 8.57 23.47
C ARG A 163 12.36 8.81 23.72
N PRO A 164 11.88 10.06 23.53
CA PRO A 164 10.44 10.28 23.76
C PRO A 164 9.55 9.39 22.86
N PHE A 165 9.97 9.17 21.62
CA PHE A 165 9.18 8.33 20.72
C PHE A 165 9.19 6.87 21.20
N LEU A 166 10.37 6.36 21.56
CA LEU A 166 10.46 4.99 22.03
C LEU A 166 9.67 4.79 23.33
N ASP A 167 9.64 5.82 24.18
CA ASP A 167 8.91 5.69 25.44
C ASP A 167 7.42 5.55 25.18
N GLU A 168 6.88 6.34 24.25
CA GLU A 168 5.46 6.22 23.99
C GLU A 168 5.18 4.89 23.30
N LEU A 169 6.04 4.50 22.35
CA LEU A 169 5.81 3.21 21.70
C LEU A 169 5.80 2.12 22.78
N ARG A 170 6.73 2.19 23.74
CA ARG A 170 6.74 1.17 24.78
C ARG A 170 5.40 1.18 25.55
N ARG A 171 4.95 2.37 25.96
CA ARG A 171 3.70 2.53 26.68
C ARG A 171 2.58 1.83 25.91
N ASN A 172 2.53 2.08 24.61
CA ASN A 172 1.55 1.53 23.69
C ASN A 172 1.77 0.04 23.39
N GLU A 173 2.85 -0.54 23.90
CA GLU A 173 3.14 -1.93 23.59
C GLU A 173 3.41 -2.08 22.09
N GLN A 174 4.11 -1.11 21.52
CA GLN A 174 4.42 -1.11 20.10
C GLN A 174 5.92 -1.09 19.87
N ASP A 175 6.68 -1.33 20.93
CA ASP A 175 8.12 -1.28 20.77
C ASP A 175 8.62 -2.42 19.87
N ARG A 176 8.05 -3.62 20.01
CA ARG A 176 8.46 -4.74 19.16
C ARG A 176 7.88 -4.55 17.76
N LEU A 177 6.72 -3.92 17.65
CA LEU A 177 6.14 -3.69 16.33
C LEU A 177 7.14 -2.89 15.50
N LEU A 178 7.81 -1.94 16.15
CA LEU A 178 8.78 -1.12 15.42
C LEU A 178 10.08 -1.85 15.13
N VAL A 179 10.64 -2.44 16.18
CA VAL A 179 11.93 -3.09 16.08
C VAL A 179 11.96 -4.45 15.39
N GLU A 180 10.92 -5.23 15.58
CA GLU A 180 10.86 -6.55 14.99
C GLU A 180 10.04 -6.67 13.72
N LEU A 181 9.19 -5.68 13.45
CA LEU A 181 8.41 -5.78 12.25
C LEU A 181 8.68 -4.69 11.26
N GLU A 182 8.28 -3.46 11.58
CA GLU A 182 8.43 -2.38 10.60
C GLU A 182 9.87 -2.10 10.17
N GLN A 183 10.81 -2.07 11.12
CA GLN A 183 12.18 -1.76 10.72
C GLN A 183 12.79 -2.86 9.85
N PRO A 184 12.73 -4.13 10.28
CA PRO A 184 13.29 -5.23 9.46
C PRO A 184 12.63 -5.26 8.08
N LEU A 185 11.32 -4.99 8.01
CA LEU A 185 10.62 -4.98 6.74
C LEU A 185 11.15 -3.87 5.84
N SER A 186 11.46 -2.72 6.44
CA SER A 186 11.95 -1.58 5.67
C SER A 186 13.20 -1.96 4.84
N SER A 187 14.11 -2.72 5.45
CA SER A 187 15.31 -3.19 4.76
C SER A 187 14.94 -4.13 3.62
N ILE A 188 13.95 -4.99 3.83
CA ILE A 188 13.50 -5.94 2.80
C ILE A 188 12.87 -5.15 1.66
N LEU A 189 12.03 -4.17 1.97
CA LEU A 189 11.41 -3.36 0.92
C LEU A 189 12.49 -2.65 0.08
N ALA A 190 13.56 -2.18 0.75
CA ALA A 190 14.63 -1.50 0.04
C ALA A 190 15.27 -2.43 -0.97
N GLU A 191 15.52 -3.67 -0.56
CA GLU A 191 16.11 -4.68 -1.44
C GLU A 191 15.20 -4.90 -2.63
N MET A 192 13.91 -5.04 -2.38
CA MET A 192 12.92 -5.26 -3.44
C MET A 192 12.92 -4.14 -4.42
N GLU A 193 12.77 -2.90 -3.92
CA GLU A 193 12.77 -1.73 -4.80
C GLU A 193 14.04 -1.63 -5.63
N PHE A 194 15.18 -1.86 -4.98
CA PHE A 194 16.46 -1.77 -5.66
C PHE A 194 16.58 -2.84 -6.76
N ALA A 195 16.21 -4.09 -6.42
CA ALA A 195 16.24 -5.18 -7.40
C ALA A 195 15.39 -4.80 -8.61
N GLY A 196 14.19 -4.28 -8.38
CA GLY A 196 13.35 -3.86 -9.49
C GLY A 196 12.71 -5.05 -10.17
N VAL A 197 11.86 -4.79 -11.16
CA VAL A 197 11.14 -5.83 -11.89
C VAL A 197 11.29 -5.58 -13.36
N LYS A 198 11.77 -6.59 -14.08
CA LYS A 198 11.96 -6.46 -15.51
C LYS A 198 10.62 -6.38 -16.21
N VAL A 199 10.55 -5.49 -17.19
CA VAL A 199 9.34 -5.29 -17.95
C VAL A 199 9.60 -5.66 -19.39
N ASP A 200 8.62 -6.36 -19.96
CA ASP A 200 8.68 -6.78 -21.35
C ASP A 200 8.02 -5.62 -22.11
N THR A 201 8.81 -4.62 -22.44
CA THR A 201 8.25 -3.45 -23.12
C THR A 201 7.67 -3.74 -24.50
N LYS A 202 8.13 -4.80 -25.15
CA LYS A 202 7.60 -5.13 -26.47
C LYS A 202 6.15 -5.59 -26.29
N ARG A 203 5.91 -6.42 -25.28
CA ARG A 203 4.59 -6.94 -24.97
C ARG A 203 3.66 -5.83 -24.47
N LEU A 204 4.22 -4.92 -23.67
CA LEU A 204 3.43 -3.82 -23.13
C LEU A 204 2.99 -2.92 -24.27
N GLU A 205 3.91 -2.60 -25.17
CA GLU A 205 3.57 -1.76 -26.32
C GLU A 205 2.54 -2.44 -27.24
N GLN A 206 2.59 -3.78 -27.33
CA GLN A 206 1.63 -4.50 -28.15
C GLN A 206 0.24 -4.40 -27.49
N MET A 207 0.21 -4.56 -26.16
CA MET A 207 -1.02 -4.46 -25.41
C MET A 207 -1.59 -3.06 -25.54
N GLY A 208 -0.72 -2.06 -25.54
CA GLY A 208 -1.18 -0.69 -25.68
C GLY A 208 -1.77 -0.48 -27.07
N LYS A 209 -1.18 -1.15 -28.06
CA LYS A 209 -1.64 -1.03 -29.44
C LYS A 209 -3.07 -1.53 -29.50
N GLU A 210 -3.28 -2.73 -28.97
CA GLU A 210 -4.58 -3.36 -28.95
C GLU A 210 -5.57 -2.50 -28.16
N LEU A 211 -5.09 -1.89 -27.07
CA LEU A 211 -5.92 -1.05 -26.22
C LEU A 211 -6.42 0.17 -26.96
N ALA A 212 -5.54 0.81 -27.72
CA ALA A 212 -5.91 1.99 -28.47
C ALA A 212 -6.95 1.62 -29.52
N GLU A 213 -6.79 0.41 -30.06
CA GLU A 213 -7.68 -0.10 -31.08
C GLU A 213 -9.06 -0.34 -30.46
N GLN A 214 -9.03 -0.90 -29.27
CA GLN A 214 -10.28 -1.15 -28.56
C GLN A 214 -10.96 0.18 -28.25
N LEU A 215 -10.20 1.16 -27.79
CA LEU A 215 -10.76 2.45 -27.44
C LEU A 215 -11.36 3.13 -28.66
N GLY A 216 -10.69 2.98 -29.79
CA GLY A 216 -11.18 3.59 -31.01
C GLY A 216 -12.58 3.15 -31.36
N THR A 217 -12.85 1.86 -31.13
CA THR A 217 -14.14 1.26 -31.42
C THR A 217 -15.29 1.72 -30.51
N VAL A 218 -15.08 1.68 -29.19
CA VAL A 218 -16.13 2.12 -28.26
C VAL A 218 -16.42 3.59 -28.50
N GLU A 219 -15.38 4.32 -28.89
CA GLU A 219 -15.48 5.75 -29.15
C GLU A 219 -16.29 6.01 -30.40
N GLN A 220 -16.01 5.25 -31.46
CA GLN A 220 -16.73 5.38 -32.70
C GLN A 220 -18.20 5.02 -32.43
N ARG A 221 -18.38 3.99 -31.62
CA ARG A 221 -19.68 3.50 -31.20
C ARG A 221 -20.46 4.61 -30.49
N ILE A 222 -19.84 5.24 -29.51
CA ILE A 222 -20.47 6.33 -28.77
C ILE A 222 -20.91 7.40 -29.75
N TYR A 223 -20.03 7.75 -30.69
CA TYR A 223 -20.34 8.75 -31.69
C TYR A 223 -21.54 8.32 -32.53
N GLU A 224 -21.64 7.03 -32.84
CA GLU A 224 -22.77 6.55 -33.61
C GLU A 224 -24.06 6.69 -32.80
N LEU A 225 -24.02 6.29 -31.54
CA LEU A 225 -25.20 6.37 -30.67
C LEU A 225 -25.60 7.81 -30.36
N ALA A 226 -24.64 8.72 -30.42
CA ALA A 226 -24.89 10.13 -30.14
C ALA A 226 -25.31 10.85 -31.41
N GLY A 227 -25.00 10.27 -32.56
CA GLY A 227 -25.33 10.88 -33.83
C GLY A 227 -24.33 11.93 -34.24
N GLN A 228 -23.28 12.11 -33.44
CA GLN A 228 -22.25 13.10 -33.75
C GLN A 228 -20.99 12.91 -32.90
N GLU A 229 -19.90 13.46 -33.39
CA GLU A 229 -18.62 13.39 -32.71
C GLU A 229 -18.60 14.49 -31.68
N PHE A 230 -17.91 14.26 -30.58
CA PHE A 230 -17.79 15.28 -29.55
C PHE A 230 -16.69 14.82 -28.64
N ASN A 231 -16.22 15.73 -27.81
CA ASN A 231 -15.17 15.39 -26.89
C ASN A 231 -15.82 14.64 -25.73
N ILE A 232 -15.63 13.33 -25.71
CA ILE A 232 -16.18 12.46 -24.68
C ILE A 232 -15.61 12.80 -23.30
N ASN A 233 -14.41 13.39 -23.30
CA ASN A 233 -13.74 13.75 -22.06
C ASN A 233 -14.04 15.15 -21.57
N SER A 234 -14.91 15.85 -22.29
CA SER A 234 -15.35 17.19 -21.89
C SER A 234 -16.68 16.99 -21.15
N PRO A 235 -16.69 17.16 -19.82
CA PRO A 235 -17.94 16.97 -19.07
C PRO A 235 -19.07 17.85 -19.55
N LYS A 236 -18.73 19.00 -20.10
CA LYS A 236 -19.73 19.94 -20.61
C LYS A 236 -20.34 19.39 -21.91
N GLN A 237 -19.48 18.97 -22.83
CA GLN A 237 -19.98 18.43 -24.09
C GLN A 237 -20.77 17.14 -23.91
N LEU A 238 -20.32 16.33 -22.95
CA LEU A 238 -20.97 15.08 -22.65
C LEU A 238 -22.36 15.34 -22.08
N GLY A 239 -22.44 16.26 -21.10
CA GLY A 239 -23.72 16.60 -20.47
C GLY A 239 -24.73 17.08 -21.51
N VAL A 240 -24.27 17.84 -22.48
CA VAL A 240 -25.16 18.32 -23.52
C VAL A 240 -25.69 17.13 -24.36
N ILE A 241 -24.81 16.19 -24.70
CA ILE A 241 -25.23 15.03 -25.50
C ILE A 241 -26.27 14.19 -24.75
N LEU A 242 -25.95 13.84 -23.52
CA LEU A 242 -26.83 13.01 -22.72
C LEU A 242 -28.16 13.64 -22.34
N PHE A 243 -28.09 14.83 -21.75
CA PHE A 243 -29.29 15.48 -21.26
C PHE A 243 -30.02 16.50 -22.14
N GLU A 244 -29.51 16.76 -23.34
CA GLU A 244 -30.17 17.68 -24.24
C GLU A 244 -30.39 16.99 -25.59
N LYS A 245 -29.33 16.50 -26.22
CA LYS A 245 -29.49 15.83 -27.52
C LYS A 245 -30.29 14.52 -27.40
N LEU A 246 -29.89 13.67 -26.46
CA LEU A 246 -30.56 12.39 -26.25
C LEU A 246 -31.70 12.50 -25.25
N GLN A 247 -31.84 13.69 -24.67
CA GLN A 247 -32.90 13.97 -23.71
C GLN A 247 -33.09 12.97 -22.58
N LEU A 248 -31.98 12.47 -22.04
CA LEU A 248 -32.07 11.55 -20.91
C LEU A 248 -32.47 12.40 -19.68
N PRO A 249 -33.04 11.77 -18.67
CA PRO A 249 -33.45 12.53 -17.48
C PRO A 249 -32.30 12.93 -16.58
N VAL A 250 -32.39 14.14 -16.03
CA VAL A 250 -31.38 14.62 -15.11
C VAL A 250 -31.81 14.02 -13.78
N LEU A 251 -30.99 13.10 -13.27
CA LEU A 251 -31.29 12.39 -12.05
C LEU A 251 -31.25 13.25 -10.78
N LYS A 252 -30.26 14.12 -10.70
CA LYS A 252 -30.18 15.02 -9.55
C LYS A 252 -29.62 16.32 -10.07
N LYS A 253 -30.38 17.40 -9.89
CA LYS A 253 -29.96 18.70 -10.37
C LYS A 253 -28.70 19.23 -9.69
N THR A 254 -27.79 19.75 -10.53
CA THR A 254 -26.54 20.34 -10.08
C THR A 254 -26.58 21.82 -10.42
N LYS A 255 -25.98 22.62 -9.54
CA LYS A 255 -25.97 24.07 -9.72
C LYS A 255 -25.58 24.45 -11.13
N THR A 256 -24.47 23.92 -11.62
CA THR A 256 -24.00 24.24 -12.97
C THR A 256 -24.02 23.02 -13.89
N GLY A 257 -24.38 23.26 -15.16
CA GLY A 257 -24.44 22.20 -16.13
C GLY A 257 -25.13 20.94 -15.61
N TYR A 258 -24.61 19.79 -16.01
CA TYR A 258 -25.16 18.52 -15.59
C TYR A 258 -24.03 17.67 -15.05
N SER A 259 -24.32 16.77 -14.14
CA SER A 259 -23.27 15.91 -13.62
C SER A 259 -23.18 14.69 -14.53
N THR A 260 -21.96 14.22 -14.79
CA THR A 260 -21.78 13.01 -15.58
C THR A 260 -20.80 12.12 -14.82
N SER A 261 -20.94 12.11 -13.51
CA SER A 261 -20.08 11.29 -12.66
C SER A 261 -20.42 9.84 -12.89
N ALA A 262 -19.52 8.95 -12.47
CA ALA A 262 -19.73 7.52 -12.65
C ALA A 262 -21.00 7.06 -11.94
N ASP A 263 -21.28 7.67 -10.79
CA ASP A 263 -22.47 7.34 -10.03
C ASP A 263 -23.76 7.66 -10.78
N VAL A 264 -23.82 8.85 -11.37
CA VAL A 264 -24.99 9.26 -12.13
C VAL A 264 -25.10 8.37 -13.36
N LEU A 265 -23.98 8.19 -14.07
CA LEU A 265 -23.99 7.38 -15.27
C LEU A 265 -24.44 5.96 -14.99
N GLU A 266 -24.05 5.41 -13.84
CA GLU A 266 -24.47 4.05 -13.52
C GLU A 266 -26.01 4.02 -13.39
N LYS A 267 -26.56 5.07 -12.80
CA LYS A 267 -28.00 5.18 -12.60
C LYS A 267 -28.72 5.50 -13.92
N LEU A 268 -28.01 6.15 -14.84
CA LEU A 268 -28.56 6.51 -16.15
C LEU A 268 -28.52 5.35 -17.14
N ALA A 269 -27.68 4.39 -16.83
CA ALA A 269 -27.46 3.22 -17.68
C ALA A 269 -28.70 2.61 -18.32
N PRO A 270 -29.74 2.32 -17.52
CA PRO A 270 -30.96 1.73 -18.09
C PRO A 270 -31.72 2.59 -19.12
N TYR A 271 -31.36 3.87 -19.24
CA TYR A 271 -32.08 4.75 -20.16
C TYR A 271 -31.58 4.80 -21.60
N HIS A 272 -30.32 4.45 -21.83
CA HIS A 272 -29.77 4.48 -23.18
C HIS A 272 -28.48 3.66 -23.24
N GLU A 273 -28.27 2.94 -24.33
CA GLU A 273 -27.07 2.10 -24.45
C GLU A 273 -25.78 2.87 -24.63
N ILE A 274 -25.87 4.17 -24.88
CA ILE A 274 -24.64 4.96 -25.01
C ILE A 274 -23.97 5.03 -23.65
N VAL A 275 -24.78 5.04 -22.58
CA VAL A 275 -24.23 5.16 -21.25
C VAL A 275 -23.17 4.12 -20.88
N GLU A 276 -23.46 2.85 -21.08
CA GLU A 276 -22.47 1.83 -20.74
C GLU A 276 -21.21 1.99 -21.60
N ASN A 277 -21.39 2.37 -22.86
CA ASN A 277 -20.25 2.57 -23.75
C ASN A 277 -19.35 3.64 -23.18
N ILE A 278 -19.93 4.74 -22.70
CA ILE A 278 -19.15 5.82 -22.12
C ILE A 278 -18.41 5.35 -20.86
N LEU A 279 -19.09 4.59 -19.99
CA LEU A 279 -18.44 4.11 -18.78
C LEU A 279 -17.27 3.19 -19.13
N HIS A 280 -17.47 2.35 -20.14
CA HIS A 280 -16.43 1.42 -20.58
C HIS A 280 -15.24 2.18 -21.13
N TYR A 281 -15.55 3.15 -21.99
CA TYR A 281 -14.56 4.01 -22.62
C TYR A 281 -13.68 4.71 -21.57
N ARG A 282 -14.31 5.18 -20.49
CA ARG A 282 -13.59 5.87 -19.43
C ARG A 282 -12.64 4.89 -18.71
N GLN A 283 -13.07 3.66 -18.51
CA GLN A 283 -12.27 2.64 -17.85
C GLN A 283 -11.04 2.31 -18.67
N LEU A 284 -11.30 2.03 -19.94
CA LEU A 284 -10.23 1.71 -20.87
C LEU A 284 -9.26 2.88 -20.93
N GLY A 285 -9.79 4.09 -20.89
CA GLY A 285 -8.96 5.28 -20.96
C GLY A 285 -8.04 5.44 -19.78
N LYS A 286 -8.57 5.10 -18.60
CA LYS A 286 -7.80 5.20 -17.37
C LYS A 286 -6.73 4.11 -17.35
N LEU A 287 -7.03 2.95 -17.92
CA LEU A 287 -6.07 1.84 -17.98
C LEU A 287 -4.91 2.25 -18.89
N GLN A 288 -5.22 2.81 -20.04
CA GLN A 288 -4.21 3.24 -21.00
C GLN A 288 -3.29 4.31 -20.42
N SER A 289 -3.88 5.30 -19.78
CA SER A 289 -3.12 6.39 -19.18
C SER A 289 -2.18 5.94 -18.06
N THR A 290 -2.64 5.11 -17.13
CA THR A 290 -1.74 4.73 -16.07
C THR A 290 -0.96 3.44 -16.31
N TYR A 291 -1.55 2.44 -16.94
CA TYR A 291 -0.81 1.21 -17.13
C TYR A 291 -0.20 0.90 -18.49
N ILE A 292 -0.33 1.81 -19.44
CA ILE A 292 0.34 1.62 -20.71
C ILE A 292 1.31 2.79 -20.75
N GLU A 293 0.77 3.99 -20.86
CA GLU A 293 1.58 5.19 -20.93
C GLU A 293 2.37 5.50 -19.65
N GLY A 294 1.70 5.49 -18.51
CA GLY A 294 2.39 5.79 -17.26
C GLY A 294 3.43 4.77 -16.85
N LEU A 295 3.16 3.50 -17.14
CA LEU A 295 4.09 2.45 -16.81
C LEU A 295 5.32 2.58 -17.70
N LEU A 296 5.11 2.69 -19.01
CA LEU A 296 6.21 2.81 -19.96
C LEU A 296 7.10 3.95 -19.55
N LYS A 297 6.48 4.98 -18.99
CA LYS A 297 7.18 6.16 -18.52
C LYS A 297 8.17 5.90 -17.39
N VAL A 298 7.91 4.94 -16.52
CA VAL A 298 8.85 4.70 -15.44
C VAL A 298 9.80 3.51 -15.66
N VAL A 299 9.81 2.94 -16.86
CA VAL A 299 10.72 1.84 -17.18
C VAL A 299 12.12 2.43 -17.44
N ARG A 300 13.14 1.91 -16.76
CA ARG A 300 14.51 2.42 -16.97
C ARG A 300 14.92 2.10 -18.40
N PRO A 301 15.36 3.12 -19.15
CA PRO A 301 15.75 2.92 -20.56
C PRO A 301 16.81 1.87 -20.77
N ASP A 302 17.73 1.73 -19.82
CA ASP A 302 18.81 0.77 -19.98
C ASP A 302 18.47 -0.67 -19.59
N THR A 303 18.02 -0.85 -18.36
CA THR A 303 17.68 -2.18 -17.86
C THR A 303 16.27 -2.67 -18.18
N LYS A 304 15.40 -1.75 -18.58
CA LYS A 304 14.00 -2.05 -18.86
C LYS A 304 13.31 -2.54 -17.57
N LYS A 305 13.85 -2.13 -16.43
CA LYS A 305 13.27 -2.48 -15.16
C LYS A 305 12.47 -1.32 -14.62
N VAL A 306 11.59 -1.66 -13.70
CA VAL A 306 10.75 -0.70 -13.04
C VAL A 306 11.13 -0.84 -11.56
N HIS A 307 11.34 0.28 -10.88
CA HIS A 307 11.71 0.27 -9.46
C HIS A 307 10.66 1.04 -8.69
N THR A 308 9.72 0.30 -8.13
CA THR A 308 8.64 0.90 -7.38
C THR A 308 9.18 1.49 -6.08
N ILE A 309 8.41 2.37 -5.46
CA ILE A 309 8.80 2.90 -4.17
C ILE A 309 7.60 2.58 -3.30
N PHE A 310 7.84 1.86 -2.21
CA PHE A 310 6.76 1.51 -1.30
C PHE A 310 6.62 2.64 -0.30
N ASN A 311 5.40 2.99 0.08
CA ASN A 311 5.26 4.00 1.12
C ASN A 311 4.80 3.16 2.28
N GLN A 312 5.72 2.89 3.19
CA GLN A 312 5.45 2.07 4.35
C GLN A 312 4.75 2.83 5.46
N ALA A 313 4.67 4.15 5.32
CA ALA A 313 4.05 4.97 6.37
C ALA A 313 2.91 5.83 5.83
N LEU A 314 2.00 5.22 5.07
CA LEU A 314 0.88 5.95 4.48
C LEU A 314 -0.51 5.55 4.98
N THR A 315 -0.86 4.27 4.82
CA THR A 315 -2.19 3.80 5.22
C THR A 315 -2.47 3.75 6.71
N GLN A 316 -3.71 4.02 7.07
CA GLN A 316 -4.06 3.95 8.47
C GLN A 316 -4.45 2.53 8.81
N THR A 317 -4.43 1.64 7.81
CA THR A 317 -4.74 0.23 8.07
C THR A 317 -3.47 -0.55 8.40
N GLY A 318 -2.33 -0.11 7.86
CA GLY A 318 -1.08 -0.81 8.11
C GLY A 318 -0.63 -1.51 6.84
N ARG A 319 -1.49 -1.50 5.83
CA ARG A 319 -1.18 -2.12 4.54
C ARG A 319 -0.11 -1.33 3.81
N LEU A 320 0.71 -2.01 3.01
CA LEU A 320 1.74 -1.34 2.23
C LEU A 320 1.06 -0.58 1.10
N SER A 321 1.79 0.39 0.56
CA SER A 321 1.30 1.17 -0.54
C SER A 321 2.52 1.33 -1.42
N SER A 322 2.32 1.54 -2.71
CA SER A 322 3.45 1.69 -3.60
C SER A 322 3.10 2.66 -4.71
N THR A 323 4.13 3.17 -5.36
CA THR A 323 3.94 4.15 -6.40
C THR A 323 5.05 4.12 -7.45
N GLU A 324 4.77 4.71 -8.61
CA GLU A 324 5.74 4.82 -9.68
C GLU A 324 6.50 3.56 -10.08
N PRO A 325 5.79 2.51 -10.53
CA PRO A 325 4.33 2.41 -10.69
C PRO A 325 3.59 1.86 -9.46
N ASN A 326 2.29 2.14 -9.41
CA ASN A 326 1.46 1.64 -8.34
C ASN A 326 0.86 0.34 -8.89
N LEU A 327 1.52 -0.77 -8.61
CA LEU A 327 1.04 -2.03 -9.17
C LEU A 327 -0.15 -2.64 -8.44
N GLN A 328 -0.52 -2.08 -7.31
CA GLN A 328 -1.66 -2.66 -6.63
C GLN A 328 -2.96 -2.21 -7.24
N ASN A 329 -2.92 -1.16 -8.04
CA ASN A 329 -4.13 -0.66 -8.65
C ASN A 329 -4.38 -1.14 -10.07
N ILE A 330 -3.63 -2.15 -10.50
CA ILE A 330 -3.84 -2.71 -11.84
C ILE A 330 -5.27 -3.27 -11.81
N PRO A 331 -6.20 -2.67 -12.59
CA PRO A 331 -7.60 -3.09 -12.66
C PRO A 331 -7.81 -4.55 -13.08
N ILE A 332 -8.04 -5.43 -12.11
CA ILE A 332 -8.23 -6.85 -12.39
C ILE A 332 -9.68 -7.28 -12.74
N ARG A 333 -10.61 -6.33 -12.79
CA ARG A 333 -11.99 -6.61 -13.18
C ARG A 333 -11.95 -6.57 -14.71
N LEU A 334 -11.12 -5.67 -15.24
CA LEU A 334 -10.92 -5.47 -16.68
C LEU A 334 -9.93 -6.50 -17.23
N GLU A 335 -10.35 -7.26 -18.24
CA GLU A 335 -9.49 -8.27 -18.86
C GLU A 335 -8.18 -7.65 -19.37
N GLU A 336 -8.33 -6.51 -20.06
CA GLU A 336 -7.20 -5.77 -20.58
C GLU A 336 -6.39 -5.25 -19.39
N GLY A 337 -7.02 -5.25 -18.22
CA GLY A 337 -6.36 -4.79 -17.01
C GLY A 337 -5.52 -5.88 -16.41
N ARG A 338 -6.08 -7.07 -16.25
CA ARG A 338 -5.35 -8.19 -15.67
C ARG A 338 -4.18 -8.62 -16.57
N LYS A 339 -4.35 -8.52 -17.88
CA LYS A 339 -3.27 -8.89 -18.80
C LYS A 339 -2.05 -7.99 -18.66
N ILE A 340 -2.21 -6.80 -18.07
CA ILE A 340 -1.10 -5.87 -17.88
C ILE A 340 0.00 -6.64 -17.14
N ARG A 341 -0.39 -7.67 -16.38
CA ARG A 341 0.56 -8.46 -15.59
C ARG A 341 1.49 -9.32 -16.46
N GLN A 342 1.16 -9.45 -17.73
CA GLN A 342 1.98 -10.21 -18.65
C GLN A 342 3.28 -9.44 -18.94
N ALA A 343 3.28 -8.13 -18.71
CA ALA A 343 4.44 -7.30 -18.99
C ALA A 343 5.58 -7.45 -17.98
N PHE A 344 5.32 -8.10 -16.85
CA PHE A 344 6.31 -8.28 -15.79
C PHE A 344 6.88 -9.69 -15.90
N VAL A 345 8.18 -9.73 -16.21
CA VAL A 345 8.88 -10.97 -16.48
C VAL A 345 10.13 -11.16 -15.61
N PRO A 346 10.71 -12.40 -15.56
CA PRO A 346 11.91 -12.61 -14.75
C PRO A 346 13.07 -11.74 -15.25
N SER A 347 13.96 -11.37 -14.34
CA SER A 347 15.06 -10.50 -14.70
C SER A 347 16.30 -11.20 -15.28
N GLU A 348 16.27 -12.53 -15.33
CA GLU A 348 17.39 -13.29 -15.88
C GLU A 348 16.86 -14.43 -16.71
N SER A 349 17.72 -14.93 -17.59
CA SER A 349 17.39 -16.07 -18.45
C SER A 349 17.18 -17.30 -17.59
N ASP A 350 16.22 -18.12 -17.95
CA ASP A 350 15.98 -19.34 -17.19
C ASP A 350 15.55 -19.09 -15.76
N TRP A 351 14.86 -17.99 -15.54
CA TRP A 351 14.32 -17.68 -14.22
C TRP A 351 12.82 -17.69 -14.42
N LEU A 352 12.07 -17.78 -13.33
CA LEU A 352 10.60 -17.75 -13.42
C LEU A 352 10.02 -16.87 -12.31
N ILE A 353 8.77 -16.46 -12.49
CA ILE A 353 8.07 -15.68 -11.47
C ILE A 353 7.24 -16.65 -10.59
N PHE A 354 7.36 -16.50 -9.28
CA PHE A 354 6.63 -17.32 -8.34
C PHE A 354 5.73 -16.38 -7.53
N ALA A 355 4.42 -16.64 -7.52
CA ALA A 355 3.48 -15.78 -6.80
C ALA A 355 2.65 -16.64 -5.88
N ALA A 356 2.56 -16.20 -4.61
CA ALA A 356 1.79 -16.89 -3.58
C ALA A 356 0.80 -15.84 -3.02
N ASP A 357 -0.45 -16.26 -2.84
CA ASP A 357 -1.51 -15.36 -2.40
C ASP A 357 -2.32 -15.97 -1.24
N TYR A 358 -2.59 -15.18 -0.19
CA TYR A 358 -3.39 -15.69 0.93
C TYR A 358 -4.85 -15.75 0.42
N SER A 359 -5.56 -16.86 0.61
CA SER A 359 -6.96 -16.86 0.14
C SER A 359 -7.89 -16.51 1.30
N GLN A 360 -8.75 -15.51 1.07
CA GLN A 360 -9.70 -15.04 2.07
C GLN A 360 -9.04 -14.74 3.40
N ILE A 361 -7.89 -14.08 3.38
CA ILE A 361 -7.21 -13.81 4.64
C ILE A 361 -8.05 -12.90 5.56
N GLU A 362 -8.75 -11.92 5.00
CA GLU A 362 -9.54 -11.03 5.86
C GLU A 362 -10.68 -11.77 6.56
N LEU A 363 -11.39 -12.65 5.84
CA LEU A 363 -12.47 -13.41 6.49
C LEU A 363 -11.94 -14.39 7.53
N ARG A 364 -10.77 -14.96 7.28
CA ARG A 364 -10.17 -15.90 8.21
C ARG A 364 -9.77 -15.12 9.46
N VAL A 365 -9.25 -13.91 9.27
CA VAL A 365 -8.87 -13.07 10.41
C VAL A 365 -10.16 -12.72 11.19
N LEU A 366 -11.22 -12.37 10.48
CA LEU A 366 -12.48 -12.08 11.17
C LEU A 366 -12.92 -13.29 11.97
N ALA A 367 -12.89 -14.48 11.36
CA ALA A 367 -13.27 -15.70 12.08
C ALA A 367 -12.48 -15.82 13.38
N HIS A 368 -11.17 -15.56 13.31
CA HIS A 368 -10.31 -15.66 14.49
C HIS A 368 -10.65 -14.64 15.58
N ILE A 369 -10.70 -13.37 15.17
CA ILE A 369 -10.98 -12.25 16.08
C ILE A 369 -12.37 -12.32 16.73
N ALA A 370 -13.38 -12.63 15.92
CA ALA A 370 -14.75 -12.73 16.41
C ALA A 370 -15.01 -14.07 17.12
N GLU A 371 -14.18 -15.08 16.86
CA GLU A 371 -14.38 -16.39 17.44
C GLU A 371 -15.82 -16.85 17.15
N ASP A 372 -16.23 -16.66 15.91
CA ASP A 372 -17.56 -17.08 15.50
C ASP A 372 -17.52 -18.57 15.18
N ASP A 373 -18.24 -19.36 15.98
CA ASP A 373 -18.28 -20.82 15.81
C ASP A 373 -18.58 -21.27 14.39
N ASN A 374 -19.61 -20.70 13.80
CA ASN A 374 -20.02 -21.05 12.44
C ASN A 374 -18.96 -20.70 11.41
N LEU A 375 -18.38 -19.51 11.50
CA LEU A 375 -17.35 -19.12 10.51
C LEU A 375 -16.05 -19.92 10.70
N MET A 376 -15.68 -20.18 11.95
CA MET A 376 -14.45 -20.95 12.20
C MET A 376 -14.63 -22.37 11.65
N GLU A 377 -15.79 -22.98 11.95
CA GLU A 377 -16.03 -24.34 11.45
C GLU A 377 -15.99 -24.37 9.92
N ALA A 378 -16.52 -23.35 9.26
CA ALA A 378 -16.51 -23.32 7.80
C ALA A 378 -15.10 -23.38 7.25
N PHE A 379 -14.22 -22.57 7.84
CA PHE A 379 -12.85 -22.53 7.37
C PHE A 379 -12.11 -23.80 7.75
N ARG A 380 -12.48 -24.40 8.88
CA ARG A 380 -11.82 -25.63 9.30
C ARG A 380 -12.18 -26.78 8.35
N ARG A 381 -13.31 -26.63 7.69
CA ARG A 381 -13.79 -27.61 6.71
C ARG A 381 -13.31 -27.19 5.32
N ASP A 382 -12.67 -26.02 5.27
CA ASP A 382 -12.20 -25.46 4.02
C ASP A 382 -13.33 -25.35 3.01
N LEU A 383 -14.50 -24.97 3.49
CA LEU A 383 -15.65 -24.78 2.60
C LEU A 383 -15.49 -23.53 1.74
N ASP A 384 -16.19 -23.50 0.61
CA ASP A 384 -16.20 -22.34 -0.25
C ASP A 384 -17.03 -21.41 0.65
N ILE A 385 -16.40 -20.35 1.14
CA ILE A 385 -17.08 -19.49 2.09
C ILE A 385 -18.26 -18.70 1.54
N HIS A 386 -18.25 -18.41 0.25
CA HIS A 386 -19.36 -17.65 -0.33
C HIS A 386 -20.59 -18.56 -0.53
N THR A 387 -20.35 -19.82 -0.87
CA THR A 387 -21.42 -20.78 -1.05
C THR A 387 -22.01 -21.04 0.31
N LYS A 388 -21.14 -21.13 1.31
CA LYS A 388 -21.60 -21.38 2.66
C LYS A 388 -22.47 -20.23 3.18
N THR A 389 -22.04 -19.00 2.93
CA THR A 389 -22.82 -17.85 3.40
C THR A 389 -24.17 -17.82 2.72
N ALA A 390 -24.20 -18.11 1.42
CA ALA A 390 -25.46 -18.15 0.67
C ALA A 390 -26.37 -19.21 1.28
N MET A 391 -25.82 -20.37 1.61
CA MET A 391 -26.63 -21.44 2.19
C MET A 391 -27.31 -20.99 3.45
N ASP A 392 -26.54 -20.33 4.32
CA ASP A 392 -27.06 -19.87 5.59
C ASP A 392 -28.07 -18.75 5.40
N ILE A 393 -27.64 -17.71 4.72
CA ILE A 393 -28.42 -16.53 4.48
C ILE A 393 -29.70 -16.74 3.67
N PHE A 394 -29.67 -17.59 2.65
CA PHE A 394 -30.87 -17.83 1.86
C PHE A 394 -31.54 -19.12 2.24
N GLN A 395 -31.01 -19.76 3.27
CA GLN A 395 -31.54 -21.01 3.80
C GLN A 395 -31.80 -22.07 2.73
N VAL A 396 -30.75 -22.45 2.02
CA VAL A 396 -30.88 -23.48 1.00
C VAL A 396 -29.75 -24.46 1.19
N SER A 397 -29.89 -25.62 0.57
CA SER A 397 -28.88 -26.66 0.67
C SER A 397 -27.80 -26.23 -0.32
N GLU A 398 -26.62 -26.81 -0.21
CA GLU A 398 -25.53 -26.48 -1.10
C GLU A 398 -25.93 -26.65 -2.57
N ASP A 399 -26.72 -27.68 -2.83
CA ASP A 399 -27.19 -27.98 -4.17
C ASP A 399 -28.10 -26.90 -4.70
N GLU A 400 -28.78 -26.21 -3.80
CA GLU A 400 -29.71 -25.17 -4.20
C GLU A 400 -29.06 -23.82 -4.40
N VAL A 401 -27.76 -23.70 -4.14
CA VAL A 401 -27.11 -22.41 -4.33
C VAL A 401 -26.86 -22.13 -5.79
N THR A 402 -27.46 -21.06 -6.31
CA THR A 402 -27.29 -20.69 -7.71
C THR A 402 -26.15 -19.72 -7.86
N PRO A 403 -25.66 -19.54 -9.09
CA PRO A 403 -24.56 -18.60 -9.29
C PRO A 403 -24.94 -17.23 -8.78
N ASN A 404 -26.18 -16.79 -9.06
CA ASN A 404 -26.59 -15.47 -8.59
C ASN A 404 -26.54 -15.39 -7.07
N MET A 405 -26.99 -16.43 -6.38
CA MET A 405 -26.98 -16.44 -4.92
C MET A 405 -25.57 -16.35 -4.37
N ARG A 406 -24.65 -17.07 -5.00
CA ARG A 406 -23.28 -17.07 -4.54
C ARG A 406 -22.66 -15.69 -4.72
N ARG A 407 -22.97 -15.04 -5.84
CA ARG A 407 -22.45 -13.73 -6.12
C ARG A 407 -22.93 -12.72 -5.06
N GLN A 408 -24.20 -12.81 -4.70
CA GLN A 408 -24.72 -11.88 -3.72
C GLN A 408 -24.18 -12.16 -2.34
N ALA A 409 -23.98 -13.44 -2.01
CA ALA A 409 -23.43 -13.81 -0.70
C ALA A 409 -21.97 -13.35 -0.63
N LYS A 410 -21.30 -13.43 -1.78
CA LYS A 410 -19.91 -12.98 -1.86
C LYS A 410 -19.87 -11.50 -1.53
N ALA A 411 -20.74 -10.70 -2.16
CA ALA A 411 -20.79 -9.26 -1.89
C ALA A 411 -21.10 -9.01 -0.41
N VAL A 412 -21.98 -9.81 0.19
CA VAL A 412 -22.31 -9.65 1.58
C VAL A 412 -21.10 -9.92 2.47
N ASN A 413 -20.35 -10.99 2.17
CA ASN A 413 -19.16 -11.33 2.97
C ASN A 413 -18.19 -10.15 2.94
N PHE A 414 -17.93 -9.62 1.74
CA PHE A 414 -17.04 -8.48 1.60
C PHE A 414 -17.59 -7.26 2.35
N GLY A 415 -18.91 -7.07 2.29
CA GLY A 415 -19.52 -5.95 2.99
C GLY A 415 -19.39 -6.03 4.51
N ILE A 416 -19.57 -7.22 5.05
CA ILE A 416 -19.47 -7.41 6.47
C ILE A 416 -18.06 -7.04 6.91
N VAL A 417 -17.08 -7.55 6.19
CA VAL A 417 -15.68 -7.27 6.52
C VAL A 417 -15.37 -5.78 6.39
N TYR A 418 -16.00 -5.15 5.40
CA TYR A 418 -15.82 -3.73 5.13
C TYR A 418 -16.51 -2.81 6.15
N GLY A 419 -17.42 -3.37 6.95
CA GLY A 419 -18.16 -2.57 7.91
C GLY A 419 -19.14 -1.70 7.13
N ILE A 420 -19.63 -2.26 6.02
CA ILE A 420 -20.54 -1.58 5.10
C ILE A 420 -21.94 -1.24 5.66
N SER A 421 -22.57 -0.21 5.14
CA SER A 421 -23.91 0.14 5.60
C SER A 421 -24.95 -0.55 4.71
N ASP A 422 -26.20 -0.57 5.16
CA ASP A 422 -27.23 -1.15 4.34
C ASP A 422 -27.27 -0.38 3.02
N TYR A 423 -27.05 0.93 3.06
CA TYR A 423 -27.05 1.74 1.85
C TYR A 423 -25.87 1.40 0.95
N GLY A 424 -24.73 1.12 1.55
CA GLY A 424 -23.55 0.79 0.78
C GLY A 424 -23.72 -0.53 0.06
N LEU A 425 -24.23 -1.53 0.77
CA LEU A 425 -24.45 -2.85 0.19
C LEU A 425 -25.50 -2.75 -0.91
N ALA A 426 -26.55 -1.97 -0.64
CA ALA A 426 -27.63 -1.78 -1.61
C ALA A 426 -27.01 -1.24 -2.88
N GLN A 427 -26.06 -0.34 -2.74
CA GLN A 427 -25.43 0.25 -3.90
C GLN A 427 -24.56 -0.79 -4.63
N ASN A 428 -23.86 -1.60 -3.85
CA ASN A 428 -23.02 -2.62 -4.46
C ASN A 428 -23.84 -3.67 -5.19
N LEU A 429 -24.97 -4.07 -4.60
CA LEU A 429 -25.82 -5.10 -5.20
C LEU A 429 -26.90 -4.55 -6.09
N ASN A 430 -26.96 -3.24 -6.21
CA ASN A 430 -28.00 -2.61 -7.03
C ASN A 430 -29.39 -3.09 -6.60
N ILE A 431 -29.67 -2.99 -5.31
CA ILE A 431 -30.95 -3.38 -4.76
C ILE A 431 -31.36 -2.25 -3.80
N SER A 432 -32.49 -2.41 -3.11
CA SER A 432 -32.93 -1.34 -2.21
C SER A 432 -32.26 -1.45 -0.85
N ARG A 433 -32.34 -0.37 -0.09
CA ARG A 433 -31.75 -0.33 1.23
C ARG A 433 -32.40 -1.35 2.15
N LYS A 434 -33.71 -1.56 2.05
CA LYS A 434 -34.39 -2.55 2.91
C LYS A 434 -33.99 -3.98 2.56
N GLU A 435 -33.80 -4.25 1.27
CA GLU A 435 -33.40 -5.57 0.82
C GLU A 435 -31.98 -5.89 1.29
N ALA A 436 -31.07 -4.92 1.14
CA ALA A 436 -29.68 -5.09 1.59
C ALA A 436 -29.64 -5.23 3.10
N ALA A 437 -30.44 -4.44 3.81
CA ALA A 437 -30.48 -4.52 5.26
C ALA A 437 -30.92 -5.91 5.70
N GLU A 438 -31.87 -6.49 4.96
CA GLU A 438 -32.38 -7.83 5.25
C GLU A 438 -31.27 -8.88 5.09
N PHE A 439 -30.42 -8.71 4.07
CA PHE A 439 -29.30 -9.62 3.84
C PHE A 439 -28.37 -9.56 5.04
N ILE A 440 -28.06 -8.34 5.49
CA ILE A 440 -27.16 -8.14 6.63
C ILE A 440 -27.72 -8.72 7.92
N GLU A 441 -29.03 -8.61 8.10
CA GLU A 441 -29.66 -9.14 9.29
C GLU A 441 -29.62 -10.69 9.26
N ARG A 442 -29.87 -11.28 8.10
CA ARG A 442 -29.82 -12.74 7.99
C ARG A 442 -28.37 -13.19 8.24
N TYR A 443 -27.41 -12.37 7.78
CA TYR A 443 -26.00 -12.69 7.99
C TYR A 443 -25.67 -12.73 9.49
N PHE A 444 -26.04 -11.68 10.21
CA PHE A 444 -25.73 -11.65 11.63
C PHE A 444 -26.48 -12.69 12.42
N GLU A 445 -27.60 -13.17 11.87
CA GLU A 445 -28.35 -14.22 12.54
C GLU A 445 -27.57 -15.54 12.37
N SER A 446 -26.97 -15.74 11.20
CA SER A 446 -26.19 -16.97 10.93
C SER A 446 -24.78 -16.88 11.51
N PHE A 447 -24.29 -15.67 11.72
CA PHE A 447 -22.97 -15.48 12.30
C PHE A 447 -23.02 -14.58 13.53
N PRO A 448 -23.62 -15.07 14.63
CA PRO A 448 -23.75 -14.32 15.89
C PRO A 448 -22.44 -13.82 16.50
N GLY A 449 -21.36 -14.58 16.38
CA GLY A 449 -20.09 -14.15 16.92
C GLY A 449 -19.59 -12.91 16.18
N VAL A 450 -19.76 -12.87 14.86
CA VAL A 450 -19.36 -11.74 14.05
C VAL A 450 -20.23 -10.54 14.44
N LYS A 451 -21.52 -10.80 14.66
CA LYS A 451 -22.43 -9.73 15.06
C LYS A 451 -21.95 -9.11 16.36
N ARG A 452 -21.69 -9.95 17.35
CA ARG A 452 -21.22 -9.51 18.65
C ARG A 452 -19.88 -8.73 18.51
N TYR A 453 -18.99 -9.21 17.65
CA TYR A 453 -17.70 -8.52 17.44
C TYR A 453 -17.92 -7.12 16.86
N MET A 454 -18.76 -7.02 15.85
CA MET A 454 -18.99 -5.73 15.20
C MET A 454 -19.62 -4.72 16.16
N GLU A 455 -20.52 -5.21 17.00
CA GLU A 455 -21.18 -4.35 17.97
C GLU A 455 -20.16 -3.90 19.00
N ASN A 456 -19.46 -4.87 19.55
CA ASN A 456 -18.48 -4.59 20.58
C ASN A 456 -17.29 -3.76 20.16
N ILE A 457 -16.78 -3.96 18.94
CA ILE A 457 -15.61 -3.21 18.52
C ILE A 457 -15.94 -1.72 18.42
N VAL A 458 -17.16 -1.40 18.01
CA VAL A 458 -17.53 0.01 17.89
C VAL A 458 -17.61 0.66 19.26
N GLN A 459 -18.12 -0.05 20.25
CA GLN A 459 -18.20 0.54 21.58
C GLN A 459 -16.81 0.60 22.22
N GLU A 460 -15.94 -0.34 21.89
CA GLU A 460 -14.59 -0.31 22.44
C GLU A 460 -13.83 0.89 21.86
N ALA A 461 -14.09 1.18 20.58
CA ALA A 461 -13.45 2.30 19.92
C ALA A 461 -13.89 3.59 20.64
N LYS A 462 -15.14 3.60 21.07
CA LYS A 462 -15.74 4.74 21.77
C LYS A 462 -15.14 4.88 23.18
N GLN A 463 -14.90 3.75 23.82
CA GLN A 463 -14.36 3.75 25.16
C GLN A 463 -12.87 4.11 25.23
N LYS A 464 -12.06 3.49 24.37
CA LYS A 464 -10.62 3.69 24.37
C LYS A 464 -10.08 4.80 23.48
N GLY A 465 -10.82 5.13 22.43
CA GLY A 465 -10.39 6.15 21.49
C GLY A 465 -9.68 5.62 20.25
N TYR A 466 -9.42 4.32 20.25
CA TYR A 466 -8.76 3.69 19.12
C TYR A 466 -9.07 2.20 19.09
N VAL A 467 -8.68 1.56 17.99
CA VAL A 467 -8.81 0.12 17.88
C VAL A 467 -7.40 -0.38 17.51
N THR A 468 -7.14 -1.67 17.73
CA THR A 468 -5.83 -2.23 17.46
C THR A 468 -5.84 -3.50 16.62
N THR A 469 -4.68 -3.85 16.08
CA THR A 469 -4.53 -5.06 15.28
C THR A 469 -3.84 -6.15 16.06
N LEU A 470 -3.74 -7.31 15.41
CA LEU A 470 -3.08 -8.48 15.99
C LEU A 470 -1.71 -8.13 16.62
N LEU A 471 -0.87 -7.42 15.86
CA LEU A 471 0.46 -7.07 16.36
C LEU A 471 0.53 -5.71 17.07
N HIS A 472 -0.62 -5.22 17.52
CA HIS A 472 -0.69 -3.97 18.28
C HIS A 472 -0.62 -2.65 17.53
N ARG A 473 -0.90 -2.68 16.24
CA ARG A 473 -0.93 -1.47 15.45
C ARG A 473 -2.18 -0.76 16.01
N ARG A 474 -2.21 0.57 15.98
CA ARG A 474 -3.37 1.29 16.49
C ARG A 474 -3.88 2.26 15.48
N ARG A 475 -5.18 2.54 15.58
CA ARG A 475 -5.82 3.55 14.75
C ARG A 475 -6.73 4.35 15.69
N TYR A 476 -6.43 5.64 15.86
CA TYR A 476 -7.24 6.51 16.71
C TYR A 476 -8.46 6.97 15.94
N LEU A 477 -9.58 7.09 16.61
CA LEU A 477 -10.78 7.50 15.92
C LEU A 477 -11.47 8.71 16.59
N PRO A 478 -10.78 9.87 16.60
CA PRO A 478 -11.39 11.06 17.21
C PRO A 478 -12.74 11.44 16.62
N ASP A 479 -12.95 11.19 15.33
CA ASP A 479 -14.21 11.54 14.69
C ASP A 479 -15.41 10.74 15.19
N ILE A 480 -15.18 9.65 15.89
CA ILE A 480 -16.28 8.81 16.34
C ILE A 480 -17.33 9.51 17.23
N THR A 481 -16.95 10.61 17.88
CA THR A 481 -17.90 11.34 18.72
C THR A 481 -18.67 12.43 17.96
N SER A 482 -18.34 12.63 16.68
CA SER A 482 -19.01 13.66 15.87
C SER A 482 -20.53 13.49 15.81
N ARG A 483 -21.28 14.61 15.77
CA ARG A 483 -22.74 14.49 15.66
C ARG A 483 -23.09 14.41 14.20
N ASN A 484 -22.12 14.61 13.33
CA ASN A 484 -22.40 14.51 11.90
C ASN A 484 -22.45 13.02 11.54
N PHE A 485 -23.58 12.60 10.97
CA PHE A 485 -23.78 11.20 10.64
C PHE A 485 -22.69 10.60 9.74
N ASN A 486 -22.33 11.28 8.67
CA ASN A 486 -21.30 10.75 7.79
C ASN A 486 -19.95 10.66 8.47
N VAL A 487 -19.60 11.69 9.23
CA VAL A 487 -18.32 11.69 9.89
C VAL A 487 -18.26 10.56 10.93
N ARG A 488 -19.28 10.45 11.75
CA ARG A 488 -19.33 9.42 12.79
C ARG A 488 -19.36 8.01 12.17
N SER A 489 -20.17 7.83 11.15
CA SER A 489 -20.29 6.52 10.50
C SER A 489 -18.97 6.07 9.91
N PHE A 490 -18.28 7.00 9.26
CA PHE A 490 -16.98 6.71 8.68
C PHE A 490 -16.05 6.15 9.76
N ALA A 491 -15.99 6.81 10.92
CA ALA A 491 -15.15 6.35 12.02
C ALA A 491 -15.59 4.97 12.54
N GLU A 492 -16.89 4.78 12.68
CA GLU A 492 -17.39 3.50 13.20
C GLU A 492 -17.07 2.39 12.19
N ARG A 493 -17.10 2.73 10.91
CA ARG A 493 -16.78 1.76 9.88
C ARG A 493 -15.31 1.38 10.01
N MET A 494 -14.45 2.37 10.30
CA MET A 494 -13.01 2.12 10.47
C MET A 494 -12.77 1.28 11.72
N ALA A 495 -13.61 1.45 12.76
CA ALA A 495 -13.44 0.65 13.97
C ALA A 495 -13.73 -0.83 13.63
N MET A 496 -14.68 -1.06 12.74
CA MET A 496 -15.03 -2.42 12.35
C MET A 496 -14.02 -3.06 11.41
N ASN A 497 -13.61 -2.30 10.41
CA ASN A 497 -12.71 -2.78 9.37
C ASN A 497 -11.21 -2.82 9.67
N THR A 498 -10.68 -1.80 10.36
CA THR A 498 -9.25 -1.77 10.63
C THR A 498 -8.64 -2.96 11.36
N PRO A 499 -9.23 -3.42 12.46
CA PRO A 499 -8.60 -4.58 13.09
C PRO A 499 -8.47 -5.79 12.16
N ILE A 500 -9.41 -5.93 11.22
CA ILE A 500 -9.39 -7.05 10.26
C ILE A 500 -8.33 -6.84 9.18
N GLN A 501 -8.45 -5.74 8.44
CA GLN A 501 -7.51 -5.37 7.37
C GLN A 501 -6.10 -5.18 7.93
N GLY A 502 -6.02 -4.54 9.10
CA GLY A 502 -4.73 -4.28 9.72
C GLY A 502 -4.05 -5.55 10.18
N SER A 503 -4.83 -6.50 10.69
CA SER A 503 -4.25 -7.73 11.16
C SER A 503 -3.75 -8.52 9.95
N ALA A 504 -4.49 -8.46 8.84
CA ALA A 504 -4.09 -9.14 7.59
C ALA A 504 -2.77 -8.53 7.12
N ALA A 505 -2.65 -7.21 7.22
CA ALA A 505 -1.42 -6.53 6.82
C ALA A 505 -0.25 -6.98 7.70
N ASP A 506 -0.49 -7.06 9.01
CA ASP A 506 0.53 -7.51 9.95
C ASP A 506 1.04 -8.89 9.55
N ILE A 507 0.12 -9.79 9.23
CA ILE A 507 0.49 -11.16 8.85
C ILE A 507 1.36 -11.18 7.58
N ILE A 508 0.91 -10.48 6.55
CA ILE A 508 1.66 -10.42 5.30
C ILE A 508 3.08 -9.86 5.54
N LYS A 509 3.20 -8.83 6.39
CA LYS A 509 4.50 -8.23 6.69
C LYS A 509 5.42 -9.23 7.41
N LYS A 510 4.88 -9.92 8.39
CA LYS A 510 5.68 -10.88 9.11
C LYS A 510 6.10 -12.00 8.17
N ALA A 511 5.21 -12.42 7.29
CA ALA A 511 5.54 -13.50 6.34
C ALA A 511 6.70 -13.08 5.44
N MET A 512 6.71 -11.81 5.00
CA MET A 512 7.80 -11.32 4.17
C MET A 512 9.13 -11.41 4.92
N ILE A 513 9.14 -11.01 6.18
CA ILE A 513 10.34 -11.07 7.00
C ILE A 513 10.79 -12.53 7.20
N ASP A 514 9.86 -13.40 7.56
CA ASP A 514 10.19 -14.81 7.77
C ASP A 514 10.68 -15.43 6.47
N LEU A 515 10.04 -15.09 5.36
CA LEU A 515 10.39 -15.65 4.07
C LEU A 515 11.80 -15.23 3.63
N ASN A 516 12.11 -13.94 3.80
CA ASN A 516 13.42 -13.42 3.43
C ASN A 516 14.50 -14.23 4.15
N ALA A 517 14.28 -14.49 5.43
CA ALA A 517 15.21 -15.24 6.23
C ALA A 517 15.33 -16.72 5.85
N ARG A 518 14.18 -17.35 5.60
CA ARG A 518 14.18 -18.77 5.26
C ARG A 518 14.83 -19.04 3.91
N LEU A 519 14.62 -18.13 2.97
CA LEU A 519 15.19 -18.28 1.63
C LEU A 519 16.71 -18.33 1.74
N LYS A 520 17.26 -17.54 2.66
CA LYS A 520 18.71 -17.54 2.82
C LYS A 520 19.20 -18.79 3.56
N GLU A 521 18.46 -19.27 4.55
CA GLU A 521 18.86 -20.48 5.27
C GLU A 521 18.84 -21.66 4.31
N GLU A 522 17.95 -21.61 3.33
CA GLU A 522 17.81 -22.70 2.39
C GLU A 522 18.73 -22.56 1.18
N ARG A 523 19.61 -21.57 1.21
CA ARG A 523 20.58 -21.36 0.14
C ARG A 523 19.97 -21.14 -1.25
N LEU A 524 18.86 -20.41 -1.31
CA LEU A 524 18.23 -20.12 -2.58
C LEU A 524 18.53 -18.67 -2.93
N GLN A 525 18.57 -18.36 -4.21
CA GLN A 525 18.80 -16.97 -4.57
C GLN A 525 17.49 -16.29 -4.99
N ALA A 526 16.39 -17.02 -4.83
CA ALA A 526 15.06 -16.48 -5.12
C ALA A 526 14.91 -15.25 -4.22
N HIS A 527 14.24 -14.22 -4.71
CA HIS A 527 14.05 -13.03 -3.89
C HIS A 527 12.71 -12.39 -4.18
N LEU A 528 12.21 -11.67 -3.18
CA LEU A 528 10.95 -10.93 -3.25
C LEU A 528 11.08 -9.83 -4.26
N LEU A 529 9.99 -9.58 -5.00
CA LEU A 529 9.97 -8.53 -6.00
C LEU A 529 8.87 -7.50 -5.67
N LEU A 530 7.67 -7.99 -5.44
CA LEU A 530 6.53 -7.12 -5.18
C LEU A 530 5.61 -7.69 -4.12
N GLN A 531 4.78 -6.81 -3.56
CA GLN A 531 3.76 -7.23 -2.60
C GLN A 531 2.56 -6.37 -2.99
N VAL A 532 1.45 -7.02 -3.32
CA VAL A 532 0.28 -6.34 -3.80
C VAL A 532 -0.89 -7.08 -3.17
N HIS A 533 -1.93 -6.35 -2.76
CA HIS A 533 -3.08 -6.98 -2.13
C HIS A 533 -2.65 -8.01 -1.06
N ASP A 534 -3.04 -9.28 -1.19
CA ASP A 534 -2.63 -10.30 -0.22
C ASP A 534 -1.65 -11.28 -0.88
N GLU A 535 -0.95 -10.79 -1.89
CA GLU A 535 -0.01 -11.58 -2.69
C GLU A 535 1.47 -11.20 -2.53
N LEU A 536 2.34 -12.20 -2.53
CA LEU A 536 3.81 -11.97 -2.48
C LEU A 536 4.32 -12.46 -3.85
N ILE A 537 5.13 -11.64 -4.51
CA ILE A 537 5.67 -11.98 -5.83
C ILE A 537 7.21 -12.03 -5.74
N LEU A 538 7.76 -13.16 -6.20
CA LEU A 538 9.21 -13.41 -6.19
C LEU A 538 9.65 -13.84 -7.57
N GLU A 539 10.95 -13.90 -7.78
CA GLU A 539 11.50 -14.44 -9.02
C GLU A 539 12.68 -15.30 -8.56
N ALA A 540 13.03 -16.32 -9.34
CA ALA A 540 14.13 -17.21 -8.96
C ALA A 540 14.50 -18.09 -10.13
N PRO A 541 15.69 -18.69 -10.07
CA PRO A 541 16.16 -19.60 -11.14
C PRO A 541 15.14 -20.73 -11.27
N LYS A 542 14.91 -21.22 -12.48
CA LYS A 542 13.97 -22.32 -12.69
C LYS A 542 14.21 -23.50 -11.76
N GLU A 543 15.48 -23.76 -11.45
CA GLU A 543 15.84 -24.88 -10.57
C GLU A 543 15.45 -24.74 -9.11
N GLU A 544 14.80 -23.62 -8.75
CA GLU A 544 14.40 -23.44 -7.37
C GLU A 544 12.89 -23.58 -7.21
N MET A 545 12.17 -23.69 -8.33
CA MET A 545 10.70 -23.77 -8.24
C MET A 545 10.19 -24.88 -7.36
N GLU A 546 10.70 -26.10 -7.53
CA GLU A 546 10.17 -27.18 -6.72
C GLU A 546 10.32 -26.92 -5.25
N ARG A 547 11.46 -26.38 -4.86
CA ARG A 547 11.68 -26.07 -3.46
C ARG A 547 10.77 -24.93 -3.01
N LEU A 548 10.58 -23.93 -3.85
CA LEU A 548 9.71 -22.81 -3.50
C LEU A 548 8.25 -23.25 -3.30
N CYS A 549 7.82 -24.24 -4.09
CA CYS A 549 6.45 -24.75 -3.99
C CYS A 549 6.15 -25.30 -2.60
N ARG A 550 7.18 -25.73 -1.88
CA ARG A 550 6.95 -26.21 -0.54
C ARG A 550 7.25 -25.12 0.49
N LEU A 551 8.34 -24.40 0.27
CA LEU A 551 8.78 -23.37 1.21
C LEU A 551 7.91 -22.12 1.37
N VAL A 552 7.55 -21.51 0.26
CA VAL A 552 6.77 -20.28 0.33
C VAL A 552 5.45 -20.48 1.07
N PRO A 553 4.60 -21.44 0.64
CA PRO A 553 3.33 -21.64 1.35
C PRO A 553 3.54 -21.97 2.82
N GLU A 554 4.53 -22.81 3.13
CA GLU A 554 4.79 -23.14 4.53
C GLU A 554 5.09 -21.89 5.37
N VAL A 555 6.00 -21.05 4.89
CA VAL A 555 6.35 -19.85 5.65
C VAL A 555 5.10 -18.97 5.84
N MET A 556 4.36 -18.72 4.75
CA MET A 556 3.15 -17.90 4.79
C MET A 556 2.05 -18.47 5.71
N GLU A 557 1.87 -19.79 5.67
CA GLU A 557 0.86 -20.44 6.49
C GLU A 557 1.27 -20.37 7.94
N GLN A 558 2.58 -20.34 8.19
CA GLN A 558 3.05 -20.32 9.57
C GLN A 558 3.41 -18.96 10.14
N ALA A 559 3.26 -17.90 9.36
CA ALA A 559 3.63 -16.57 9.83
C ALA A 559 3.04 -16.25 11.22
N VAL A 560 1.77 -16.60 11.41
CA VAL A 560 1.08 -16.38 12.67
C VAL A 560 0.15 -17.60 12.88
N THR A 561 -0.20 -17.92 14.11
CA THR A 561 -1.09 -19.04 14.37
C THR A 561 -2.47 -18.52 14.79
N LEU A 562 -3.47 -18.77 13.95
CA LEU A 562 -4.82 -18.32 14.24
C LEU A 562 -5.69 -19.50 14.58
N ARG A 563 -6.93 -19.20 14.98
CA ARG A 563 -7.91 -20.21 15.34
C ARG A 563 -8.36 -20.99 14.11
N VAL A 564 -8.03 -20.49 12.93
CA VAL A 564 -8.38 -21.16 11.69
C VAL A 564 -7.11 -21.19 10.86
N PRO A 565 -7.01 -22.11 9.91
CA PRO A 565 -5.81 -22.17 9.07
C PRO A 565 -5.70 -20.99 8.11
N LEU A 566 -4.48 -20.66 7.72
CA LEU A 566 -4.22 -19.62 6.75
C LEU A 566 -3.93 -20.43 5.49
N LYS A 567 -4.71 -20.19 4.45
CA LYS A 567 -4.59 -20.91 3.20
C LYS A 567 -3.85 -20.07 2.18
N VAL A 568 -2.95 -20.70 1.44
CA VAL A 568 -2.17 -20.00 0.43
C VAL A 568 -2.30 -20.67 -0.93
N ASP A 569 -2.46 -19.89 -1.98
CA ASP A 569 -2.51 -20.47 -3.33
C ASP A 569 -1.21 -19.99 -3.94
N TYR A 570 -0.54 -20.84 -4.70
CA TYR A 570 0.75 -20.45 -5.26
C TYR A 570 0.95 -21.03 -6.64
N HIS A 571 1.66 -20.30 -7.50
CA HIS A 571 1.93 -20.78 -8.86
C HIS A 571 3.18 -20.09 -9.37
N TYR A 572 3.71 -20.57 -10.49
CA TYR A 572 4.85 -19.92 -11.11
C TYR A 572 4.66 -19.97 -12.62
N GLY A 573 5.35 -19.09 -13.34
CA GLY A 573 5.18 -19.05 -14.77
C GLY A 573 6.21 -18.12 -15.32
N SER A 574 6.14 -17.88 -16.63
CA SER A 574 7.11 -17.04 -17.32
C SER A 574 6.83 -15.55 -17.23
N THR A 575 5.63 -15.18 -16.75
CA THR A 575 5.27 -13.78 -16.55
C THR A 575 4.49 -13.77 -15.25
N TRP A 576 4.24 -12.57 -14.72
CA TRP A 576 3.48 -12.45 -13.49
C TRP A 576 2.07 -12.98 -13.74
N TYR A 577 1.51 -12.60 -14.88
CA TYR A 577 0.17 -13.01 -15.28
C TYR A 577 0.07 -14.55 -15.31
N ASP A 578 1.11 -15.17 -15.85
CA ASP A 578 1.16 -16.61 -15.98
C ASP A 578 1.44 -17.40 -14.71
N ALA A 579 1.86 -16.71 -13.66
CA ALA A 579 2.13 -17.38 -12.39
C ALA A 579 0.78 -17.49 -11.68
N LYS A 580 -0.16 -18.14 -12.33
CA LYS A 580 -1.47 -18.31 -11.75
C LYS A 580 -2.01 -19.67 -12.17
S SO4 B . 24.29 25.43 20.13
O1 SO4 B . 24.21 24.89 18.65
O2 SO4 B . 25.44 26.50 20.25
O3 SO4 B . 22.83 26.18 20.48
O4 SO4 B . 24.60 24.15 21.20
S SO4 C . 22.37 -16.02 -20.92
O1 SO4 C . 22.35 -15.95 -19.33
O2 SO4 C . 21.08 -15.34 -21.54
O3 SO4 C . 23.75 -15.22 -21.48
O4 SO4 C . 22.38 -17.64 -21.40
#